data_7RAG
#
_entry.id   7RAG
#
_cell.length_a   105.185
_cell.length_b   105.185
_cell.length_c   154.771
_cell.angle_alpha   90.000
_cell.angle_beta   90.000
_cell.angle_gamma   120.000
#
_symmetry.space_group_name_H-M   'P 65 2 2'
#
loop_
_entity.id
_entity.type
_entity.pdbx_description
1 polymer Lipoprotein
2 polymer 'Germination-specific N-acetylmuramoyl-L-alanine amidase, Autolysin'
3 non-polymer 'ZINC ION'
4 non-polymer 1,2-ETHANEDIOL
5 water water
#
loop_
_entity_poly.entity_id
_entity_poly.type
_entity_poly.pdbx_seq_one_letter_code
_entity_poly.pdbx_strand_id
1 'polypeptide(L)'
;(MSE)QKRQSTKEEVYKDFQKQISD(MSE)NYYSCKAEVEVVGNKSPHNYVLIHTYKKTDNYKLEVISPKHLKGKSIEYQ
GDKILVKNPKISDVVELPNTGKNNQYLFVGDFIKNYLQNEE(MSE)KVKLSKGHLVLETFIPGDNKYFNKQVLYVNADTK
NPEK(MSE)EVLDKEGVPRFTVKYKDFEYRN
;
A
2 'polypeptide(L)'
;(MSE)KNISEDVIKY(MSE)PVTNKTIILDAGHGGIDPGALNKDKSTSEKDINLAITLKLRELIESSGGLVILTREDDSS
LYKEENNKTTRQKYNENLKNRKEIISNSNAN(MSE)FVSIHLNAFEQSKYYGAQTFYPKDKQDSKELSKCIQEELKRVVD
KTNNREVKPRDDIYLLKDNNIPSVLIECGFLSNEKECKLLTDETYQEKIAWAIYIGIQKYLSVDKLAAA
;
B
#
loop_
_chem_comp.id
_chem_comp.type
_chem_comp.name
_chem_comp.formula
EDO non-polymer 1,2-ETHANEDIOL 'C2 H6 O2'
ZN non-polymer 'ZINC ION' 'Zn 2'
#
# COMPACT_ATOMS: atom_id res chain seq x y z
N MSE A 1 -45.54 5.90 44.53
CA MSE A 1 -44.94 7.21 44.68
C MSE A 1 -43.71 7.36 43.78
O MSE A 1 -43.39 6.46 43.01
CB MSE A 1 -44.57 7.47 46.15
CG MSE A 1 -43.20 6.97 46.59
SE MSE A 1 -42.58 7.74 48.30
CE MSE A 1 -40.72 7.09 48.28
N GLN A 2 -43.03 8.48 43.88
CA GLN A 2 -42.02 8.83 42.90
C GLN A 2 -40.90 9.62 43.59
N LYS A 3 -39.73 9.66 42.95
CA LYS A 3 -38.59 10.37 43.53
C LYS A 3 -38.85 11.88 43.61
N ARG A 4 -38.00 12.55 44.38
CA ARG A 4 -38.07 13.99 44.54
C ARG A 4 -37.58 14.68 43.27
N GLN A 5 -38.04 15.92 43.06
CA GLN A 5 -37.62 16.70 41.90
C GLN A 5 -36.12 16.90 41.91
N SER A 6 -35.51 16.72 40.74
CA SER A 6 -34.10 17.02 40.62
C SER A 6 -33.88 18.52 40.75
N THR A 7 -32.77 18.88 41.39
CA THR A 7 -32.33 20.26 41.48
C THR A 7 -31.71 20.69 40.16
N LYS A 8 -31.34 21.97 40.08
CA LYS A 8 -30.70 22.49 38.89
C LYS A 8 -29.47 21.68 38.51
N GLU A 9 -28.60 21.44 39.49
CA GLU A 9 -27.31 20.85 39.18
C GLU A 9 -27.46 19.39 38.81
N GLU A 10 -28.43 18.69 39.42
CA GLU A 10 -28.63 17.28 39.10
C GLU A 10 -29.11 17.12 37.66
N VAL A 11 -30.10 17.91 37.24
CA VAL A 11 -30.56 17.88 35.85
C VAL A 11 -29.43 18.25 34.92
N TYR A 12 -28.68 19.31 35.25
CA TYR A 12 -27.62 19.76 34.37
C TYR A 12 -26.54 18.68 34.20
N LYS A 13 -26.17 18.01 35.29
CA LYS A 13 -25.13 16.99 35.20
C LYS A 13 -25.65 15.76 34.45
N ASP A 14 -26.93 15.43 34.64
CA ASP A 14 -27.51 14.37 33.83
C ASP A 14 -27.42 14.70 32.35
N PHE A 15 -27.74 15.95 31.99
CA PHE A 15 -27.64 16.38 30.59
C PHE A 15 -26.20 16.27 30.07
N GLN A 16 -25.23 16.69 30.89
CA GLN A 16 -23.83 16.59 30.48
C GLN A 16 -23.43 15.14 30.20
N LYS A 17 -23.84 14.24 31.08
CA LYS A 17 -23.53 12.83 30.88
C LYS A 17 -24.20 12.30 29.62
N GLN A 18 -25.46 12.69 29.39
CA GLN A 18 -26.19 12.19 28.23
C GLN A 18 -25.54 12.66 26.93
N ILE A 19 -25.17 13.93 26.84
CA ILE A 19 -24.59 14.38 25.57
C ILE A 19 -23.13 13.96 25.44
N SER A 20 -22.43 13.69 26.55
CA SER A 20 -21.05 13.25 26.43
C SER A 20 -20.95 11.84 25.88
N ASP A 21 -21.81 10.93 26.33
CA ASP A 21 -21.78 9.55 25.86
C ASP A 21 -22.38 9.39 24.48
N MSE A 22 -23.03 10.41 23.96
CA MSE A 22 -23.63 10.37 22.66
C MSE A 22 -22.58 10.00 21.62
O MSE A 22 -21.52 10.59 21.60
CB MSE A 22 -24.24 11.73 22.36
CG MSE A 22 -25.60 11.74 21.74
SE MSE A 22 -26.45 13.49 22.10
CE MSE A 22 -27.44 13.00 23.74
N ASN A 23 -22.85 9.00 20.79
CA ASN A 23 -21.99 8.70 19.66
C ASN A 23 -22.68 8.98 18.33
N TYR A 24 -23.99 9.24 18.37
CA TYR A 24 -24.78 9.56 17.20
C TYR A 24 -26.00 10.35 17.65
N TYR A 25 -26.37 11.36 16.89
CA TYR A 25 -27.68 11.94 17.09
C TYR A 25 -28.19 12.47 15.77
N SER A 26 -29.50 12.66 15.72
CA SER A 26 -30.10 13.15 14.49
C SER A 26 -31.38 13.87 14.86
N CYS A 27 -31.63 14.98 14.19
CA CYS A 27 -32.84 15.73 14.49
C CYS A 27 -33.19 16.60 13.30
N LYS A 28 -34.42 17.08 13.32
CA LYS A 28 -34.91 18.10 12.41
C LYS A 28 -34.79 19.45 13.14
N ALA A 29 -34.22 20.45 12.46
CA ALA A 29 -34.03 21.78 13.02
C ALA A 29 -34.85 22.77 12.21
N GLU A 30 -35.84 23.39 12.85
CA GLU A 30 -36.58 24.48 12.26
C GLU A 30 -35.94 25.79 12.70
N VAL A 31 -35.38 26.55 11.77
CA VAL A 31 -34.59 27.72 12.10
C VAL A 31 -35.32 28.95 11.60
N GLU A 32 -35.51 29.92 12.48
CA GLU A 32 -35.98 31.25 12.11
C GLU A 32 -34.81 32.23 12.18
N VAL A 33 -34.59 32.97 11.10
CA VAL A 33 -33.52 33.96 11.01
C VAL A 33 -34.16 35.31 10.82
N VAL A 34 -33.77 36.28 11.64
CA VAL A 34 -34.41 37.58 11.66
C VAL A 34 -33.34 38.64 11.38
N GLY A 35 -33.26 39.10 10.13
CA GLY A 35 -32.39 40.24 9.82
C GLY A 35 -33.10 41.56 10.09
N ASN A 36 -33.04 42.52 9.17
CA ASN A 36 -33.58 43.87 9.38
C ASN A 36 -34.93 44.05 8.69
N LYS A 37 -35.56 42.96 8.32
CA LYS A 37 -36.73 42.90 7.44
C LYS A 37 -37.53 41.71 7.92
N SER A 38 -38.24 41.03 7.03
CA SER A 38 -39.03 39.88 7.44
C SER A 38 -38.14 38.73 7.89
N PRO A 39 -38.52 37.99 8.93
CA PRO A 39 -37.84 36.73 9.22
C PRO A 39 -37.96 35.78 8.04
N HIS A 40 -37.08 34.78 8.04
CA HIS A 40 -37.08 33.72 7.03
C HIS A 40 -36.94 32.40 7.76
N ASN A 41 -37.54 31.35 7.22
CA ASN A 41 -37.53 30.08 7.91
C ASN A 41 -36.83 29.03 7.07
N TYR A 42 -36.16 28.10 7.74
CA TYR A 42 -35.44 27.03 7.10
C TYR A 42 -35.71 25.75 7.85
N VAL A 43 -35.64 24.61 7.17
CA VAL A 43 -35.63 23.33 7.86
C VAL A 43 -34.39 22.56 7.42
N LEU A 44 -33.60 22.14 8.38
CA LEU A 44 -32.41 21.35 8.16
C LEU A 44 -32.57 20.03 8.88
N ILE A 45 -31.84 19.03 8.42
CA ILE A 45 -31.58 17.84 9.23
C ILE A 45 -30.15 17.92 9.74
N HIS A 46 -29.99 17.77 11.04
CA HIS A 46 -28.70 17.70 11.71
C HIS A 46 -28.39 16.26 12.00
N THR A 47 -27.22 15.81 11.56
CA THR A 47 -26.71 14.50 11.89
C THR A 47 -25.34 14.62 12.54
N TYR A 48 -25.15 13.87 13.61
CA TYR A 48 -23.88 13.79 14.31
C TYR A 48 -23.47 12.33 14.44
N LYS A 49 -22.26 12.00 14.01
CA LYS A 49 -21.62 10.74 14.37
C LYS A 49 -20.23 11.04 14.89
N LYS A 50 -19.87 10.39 15.99
CA LYS A 50 -18.48 10.41 16.48
C LYS A 50 -17.70 9.37 15.68
N THR A 51 -16.59 9.77 15.07
CA THR A 51 -15.91 8.92 14.11
C THR A 51 -14.45 8.74 14.49
N ASP A 52 -13.86 7.65 14.02
CA ASP A 52 -12.47 7.33 14.29
C ASP A 52 -11.54 8.03 13.31
N ASN A 53 -10.40 8.49 13.80
CA ASN A 53 -9.36 9.06 12.95
C ASN A 53 -8.03 8.43 13.33
N TYR A 54 -7.40 7.76 12.37
CA TYR A 54 -6.12 7.10 12.56
C TYR A 54 -5.08 7.78 11.68
N LYS A 55 -3.90 8.03 12.23
CA LYS A 55 -2.78 8.48 11.42
C LYS A 55 -1.60 7.56 11.67
N LEU A 56 -1.02 7.01 10.60
CA LEU A 56 0.22 6.24 10.66
C LEU A 56 1.29 7.03 9.93
N GLU A 57 2.33 7.43 10.63
CA GLU A 57 3.44 8.12 9.99
C GLU A 57 4.73 7.34 10.16
N VAL A 58 5.47 7.18 9.08
CA VAL A 58 6.70 6.39 9.10
C VAL A 58 7.86 7.27 9.52
N ILE A 59 8.67 6.77 10.45
CA ILE A 59 9.84 7.49 10.91
C ILE A 59 11.15 6.75 10.57
N SER A 60 11.18 5.41 10.74
CA SER A 60 12.52 4.82 10.83
C SER A 60 13.26 4.66 9.50
N PRO A 61 12.77 3.86 8.55
CA PRO A 61 13.59 3.69 7.33
C PRO A 61 13.64 5.04 6.64
N LYS A 62 14.84 5.59 6.51
CA LYS A 62 14.99 7.00 6.15
C LYS A 62 14.20 7.37 4.90
N HIS A 63 14.18 6.45 3.93
CA HIS A 63 13.44 6.68 2.68
C HIS A 63 11.98 7.04 2.96
N LEU A 64 11.39 6.44 4.00
CA LEU A 64 9.98 6.62 4.26
C LEU A 64 9.67 7.71 5.27
N LYS A 65 10.70 8.23 5.95
CA LYS A 65 10.50 9.15 7.06
C LYS A 65 9.59 10.30 6.65
N GLY A 66 8.57 10.56 7.46
CA GLY A 66 7.64 11.62 7.18
C GLY A 66 6.52 11.28 6.23
N LYS A 67 6.56 10.13 5.56
CA LYS A 67 5.41 9.68 4.78
C LYS A 67 4.33 9.18 5.72
N SER A 68 3.07 9.38 5.32
CA SER A 68 1.99 9.06 6.25
C SER A 68 0.75 8.60 5.49
N ILE A 69 -0.10 7.88 6.22
CA ILE A 69 -1.43 7.51 5.76
C ILE A 69 -2.41 7.87 6.86
N GLU A 70 -3.47 8.57 6.49
CA GLU A 70 -4.48 9.05 7.42
C GLU A 70 -5.84 8.48 7.03
N TYR A 71 -6.51 7.84 7.98
CA TYR A 71 -7.84 7.27 7.79
C TYR A 71 -8.85 8.13 8.56
N GLN A 72 -9.79 8.76 7.84
CA GLN A 72 -10.70 9.72 8.44
C GLN A 72 -12.14 9.24 8.45
N GLY A 73 -12.67 8.93 7.29
CA GLY A 73 -14.04 8.51 7.15
C GLY A 73 -14.10 7.57 5.98
N ASP A 74 -14.95 7.92 5.02
CA ASP A 74 -14.89 7.35 3.69
C ASP A 74 -13.59 7.72 2.96
N LYS A 75 -12.67 8.44 3.62
CA LYS A 75 -11.48 8.98 2.96
C LYS A 75 -10.18 8.42 3.53
N ILE A 76 -9.16 8.37 2.68
CA ILE A 76 -7.79 8.03 3.06
C ILE A 76 -6.86 9.05 2.42
N LEU A 77 -5.93 9.58 3.21
CA LEU A 77 -4.94 10.55 2.74
C LEU A 77 -3.57 9.89 2.79
N VAL A 78 -2.88 9.88 1.67
CA VAL A 78 -1.56 9.28 1.56
C VAL A 78 -0.60 10.41 1.21
N LYS A 79 0.39 10.65 2.06
CA LYS A 79 1.19 11.86 1.99
C LYS A 79 2.67 11.52 1.85
N ASN A 80 3.32 12.09 0.84
CA ASN A 80 4.78 12.10 0.73
C ASN A 80 5.24 13.54 0.75
N PRO A 81 5.69 14.05 1.91
CA PRO A 81 6.06 15.46 2.00
C PRO A 81 7.38 15.77 1.34
N LYS A 82 8.22 14.76 1.08
CA LYS A 82 9.48 14.99 0.38
C LYS A 82 9.25 15.60 -1.01
N ILE A 83 8.06 15.48 -1.57
CA ILE A 83 7.75 16.09 -2.86
C ILE A 83 6.43 16.84 -2.75
N SER A 84 5.96 17.04 -1.52
CA SER A 84 4.72 17.79 -1.26
C SER A 84 3.54 17.18 -2.01
N ASP A 85 3.39 15.87 -1.93
CA ASP A 85 2.30 15.18 -2.58
C ASP A 85 1.29 14.68 -1.56
N VAL A 86 0.01 14.95 -1.82
CA VAL A 86 -1.11 14.45 -1.04
C VAL A 86 -2.08 13.81 -1.99
N VAL A 87 -2.40 12.54 -1.76
CA VAL A 87 -3.37 11.84 -2.57
C VAL A 87 -4.52 11.39 -1.69
N GLU A 88 -5.73 11.64 -2.18
CA GLU A 88 -6.98 11.28 -1.52
C GLU A 88 -7.56 10.07 -2.24
N LEU A 89 -7.89 9.04 -1.49
CA LEU A 89 -8.43 7.78 -1.99
C LEU A 89 -9.70 7.44 -1.24
N PRO A 90 -10.61 6.67 -1.86
CA PRO A 90 -11.82 6.27 -1.15
C PRO A 90 -11.57 5.11 -0.20
N ASN A 91 -12.31 5.12 0.93
CA ASN A 91 -12.24 4.06 1.94
C ASN A 91 -13.30 3.01 1.64
N THR A 92 -12.87 1.79 1.35
CA THR A 92 -13.83 0.69 1.17
C THR A 92 -14.15 -0.01 2.49
N GLY A 93 -13.17 -0.15 3.38
CA GLY A 93 -13.40 -0.75 4.69
C GLY A 93 -12.32 -1.71 5.18
N TYR A 98 -10.19 -4.46 10.70
CA TYR A 98 -8.85 -3.85 10.65
C TYR A 98 -8.65 -2.91 9.45
N LEU A 99 -8.37 -1.63 9.74
CA LEU A 99 -8.07 -0.64 8.71
C LEU A 99 -6.62 -0.70 8.25
N PHE A 100 -5.73 -1.15 9.12
CA PHE A 100 -4.32 -1.26 8.85
C PHE A 100 -3.80 -2.34 9.77
N VAL A 101 -2.61 -2.85 9.47
CA VAL A 101 -1.98 -3.80 10.37
C VAL A 101 -1.44 -3.04 11.58
N GLY A 102 -1.85 -3.46 12.77
CA GLY A 102 -1.69 -2.68 13.98
C GLY A 102 -2.98 -2.10 14.52
N ASP A 103 -4.03 -2.06 13.71
CA ASP A 103 -5.33 -1.58 14.15
C ASP A 103 -6.00 -2.67 14.99
N PHE A 104 -6.24 -2.39 16.25
CA PHE A 104 -6.80 -3.38 17.17
C PHE A 104 -8.12 -2.98 17.79
N ILE A 105 -8.39 -1.68 18.01
CA ILE A 105 -9.71 -1.32 18.49
C ILE A 105 -10.73 -1.70 17.45
N LYS A 106 -11.89 -2.14 17.90
CA LYS A 106 -13.09 -2.41 17.11
C LYS A 106 -13.02 -3.74 16.37
N ASN A 107 -11.89 -4.46 16.39
CA ASN A 107 -11.93 -5.88 16.08
C ASN A 107 -11.73 -6.75 17.30
N TYR A 108 -10.82 -6.34 18.19
CA TYR A 108 -10.70 -6.98 19.49
C TYR A 108 -11.67 -6.40 20.51
N LEU A 109 -12.33 -5.29 20.18
CA LEU A 109 -13.46 -4.81 20.98
C LEU A 109 -14.73 -5.56 20.62
N GLN A 110 -15.13 -5.48 19.37
CA GLN A 110 -16.38 -6.09 18.91
C GLN A 110 -16.14 -7.59 18.74
N ASN A 111 -16.35 -8.31 19.84
CA ASN A 111 -16.03 -9.73 19.89
C ASN A 111 -16.91 -10.53 18.94
N GLU A 112 -16.31 -11.59 18.39
CA GLU A 112 -16.94 -12.49 17.44
C GLU A 112 -16.51 -13.88 17.86
N GLU A 113 -16.52 -14.84 16.94
CA GLU A 113 -15.71 -16.04 17.15
C GLU A 113 -14.27 -15.61 17.42
N MSE A 114 -13.71 -16.05 18.56
CA MSE A 114 -12.42 -15.56 19.04
C MSE A 114 -11.81 -16.44 20.14
O MSE A 114 -12.51 -16.82 21.06
CB MSE A 114 -12.57 -14.13 19.54
CG MSE A 114 -11.27 -13.49 20.02
SE MSE A 114 -11.50 -11.77 20.91
CE MSE A 114 -11.56 -10.58 19.34
N LYS A 115 -10.50 -16.74 20.05
CA LYS A 115 -9.78 -17.51 21.06
C LYS A 115 -9.15 -16.55 22.07
N VAL A 116 -9.48 -16.73 23.35
CA VAL A 116 -8.93 -15.92 24.44
C VAL A 116 -8.16 -16.85 25.38
N LYS A 117 -6.91 -16.48 25.70
CA LYS A 117 -5.99 -17.30 26.47
C LYS A 117 -5.19 -16.41 27.42
N LEU A 118 -4.92 -16.88 28.64
CA LEU A 118 -4.20 -16.10 29.66
C LEU A 118 -2.88 -16.81 29.91
N SER A 119 -1.80 -16.29 29.33
CA SER A 119 -0.55 -17.02 29.28
C SER A 119 0.61 -16.07 29.59
N LYS A 120 1.36 -16.40 30.64
CA LYS A 120 2.62 -15.73 30.96
C LYS A 120 2.45 -14.21 31.01
N GLY A 121 1.43 -13.76 31.74
CA GLY A 121 1.19 -12.34 31.89
C GLY A 121 0.59 -11.63 30.70
N HIS A 122 0.05 -12.38 29.73
CA HIS A 122 -0.56 -11.78 28.55
C HIS A 122 -1.94 -12.35 28.29
N LEU A 123 -2.85 -11.46 27.92
CA LEU A 123 -4.13 -11.82 27.32
C LEU A 123 -3.87 -12.01 25.82
N VAL A 124 -4.03 -13.25 25.33
CA VAL A 124 -3.82 -13.58 23.93
C VAL A 124 -5.17 -13.69 23.26
N LEU A 125 -5.36 -12.91 22.19
CA LEU A 125 -6.62 -12.85 21.45
C LEU A 125 -6.36 -13.24 20.01
N GLU A 126 -7.07 -14.27 19.52
CA GLU A 126 -6.85 -14.80 18.18
C GLU A 126 -8.15 -14.73 17.38
N THR A 127 -8.08 -14.17 16.18
CA THR A 127 -9.21 -14.19 15.28
C THR A 127 -8.71 -14.66 13.92
N PHE A 128 -9.61 -15.26 13.13
CA PHE A 128 -9.31 -15.60 11.74
C PHE A 128 -9.59 -14.38 10.88
N ILE A 129 -8.79 -14.21 9.83
CA ILE A 129 -8.96 -13.08 8.91
C ILE A 129 -9.79 -13.58 7.73
N PRO A 130 -10.99 -13.04 7.53
CA PRO A 130 -11.87 -13.55 6.47
C PRO A 130 -11.33 -13.20 5.11
N GLY A 131 -11.60 -14.08 4.15
CA GLY A 131 -11.03 -14.00 2.83
C GLY A 131 -10.12 -15.16 2.50
N ASP A 132 -9.77 -15.97 3.50
CA ASP A 132 -8.88 -17.12 3.36
C ASP A 132 -7.69 -16.83 2.43
N ASN A 133 -7.08 -15.66 2.64
CA ASN A 133 -5.79 -15.34 2.02
C ASN A 133 -4.73 -16.25 2.64
N LYS A 134 -3.94 -16.90 1.79
CA LYS A 134 -2.86 -17.76 2.27
C LYS A 134 -1.94 -17.01 3.24
N TYR A 135 -1.74 -15.71 3.01
CA TYR A 135 -0.75 -14.92 3.73
C TYR A 135 -1.30 -14.18 4.93
N PHE A 136 -2.56 -13.77 4.89
CA PHE A 136 -3.21 -13.07 6.00
C PHE A 136 -4.28 -14.01 6.57
N ASN A 137 -3.86 -14.96 7.40
CA ASN A 137 -4.77 -16.01 7.82
C ASN A 137 -5.38 -15.74 9.21
N LYS A 138 -4.55 -15.49 10.19
CA LYS A 138 -5.02 -15.32 11.56
C LYS A 138 -4.31 -14.13 12.16
N GLN A 139 -5.03 -13.36 12.98
CA GLN A 139 -4.56 -12.16 13.63
C GLN A 139 -4.47 -12.44 15.13
N VAL A 140 -3.28 -12.33 15.70
CA VAL A 140 -3.07 -12.60 17.12
C VAL A 140 -2.55 -11.35 17.81
N LEU A 141 -3.23 -10.93 18.87
CA LEU A 141 -2.87 -9.76 19.66
C LEU A 141 -2.48 -10.19 21.06
N TYR A 142 -1.32 -9.73 21.51
CA TYR A 142 -0.86 -9.94 22.89
C TYR A 142 -1.10 -8.65 23.65
N VAL A 143 -1.88 -8.73 24.73
CA VAL A 143 -2.19 -7.60 25.58
C VAL A 143 -1.52 -7.83 26.94
N ASN A 144 -0.92 -6.78 27.48
CA ASN A 144 -0.36 -6.86 28.81
C ASN A 144 -1.50 -7.03 29.81
N ALA A 145 -1.45 -8.09 30.60
CA ALA A 145 -2.59 -8.41 31.44
C ALA A 145 -2.76 -7.42 32.58
N ASP A 146 -1.75 -6.61 32.87
CA ASP A 146 -1.82 -5.61 33.93
C ASP A 146 -2.22 -4.23 33.40
N THR A 147 -1.51 -3.75 32.39
CA THR A 147 -1.85 -2.47 31.80
C THR A 147 -3.06 -2.53 30.88
N LYS A 148 -3.42 -3.73 30.39
CA LYS A 148 -4.39 -3.91 29.29
C LYS A 148 -4.00 -3.14 28.05
N ASN A 149 -2.72 -2.72 27.94
CA ASN A 149 -2.27 -2.15 26.68
C ASN A 149 -1.78 -3.26 25.77
N PRO A 150 -1.96 -3.14 24.45
CA PRO A 150 -1.43 -4.17 23.55
C PRO A 150 0.09 -4.14 23.54
N GLU A 151 0.70 -5.33 23.56
CA GLU A 151 2.16 -5.43 23.47
C GLU A 151 2.61 -5.84 22.07
N LYS A 152 1.97 -6.84 21.48
CA LYS A 152 2.44 -7.41 20.23
C LYS A 152 1.25 -7.89 19.40
N MSE A 153 1.43 -7.84 18.09
CA MSE A 153 0.43 -8.41 17.20
C MSE A 153 1.09 -9.15 16.06
O MSE A 153 2.08 -8.67 15.51
CB MSE A 153 -0.48 -7.33 16.65
CG MSE A 153 -1.62 -7.95 15.89
SE MSE A 153 -2.46 -6.80 14.56
CE MSE A 153 -3.71 -5.84 15.76
N GLU A 154 0.58 -10.32 15.71
CA GLU A 154 1.12 -11.13 14.62
C GLU A 154 0.04 -11.48 13.62
N VAL A 155 0.31 -11.22 12.34
CA VAL A 155 -0.47 -11.79 11.25
C VAL A 155 0.25 -13.06 10.80
N LEU A 156 -0.42 -14.19 10.91
CA LEU A 156 0.14 -15.49 10.59
C LEU A 156 -0.40 -15.95 9.25
N ASP A 157 0.47 -16.56 8.44
CA ASP A 157 0.00 -17.16 7.20
C ASP A 157 -0.72 -18.48 7.50
N LYS A 158 -1.13 -19.19 6.45
CA LYS A 158 -1.86 -20.42 6.69
C LYS A 158 -0.99 -21.49 7.36
N GLU A 159 0.33 -21.39 7.28
CA GLU A 159 1.23 -22.31 7.95
C GLU A 159 1.64 -21.86 9.34
N GLY A 160 1.02 -20.80 9.86
CA GLY A 160 1.33 -20.33 11.20
C GLY A 160 2.54 -19.42 11.31
N VAL A 161 3.18 -19.09 10.19
CA VAL A 161 4.35 -18.22 10.20
C VAL A 161 3.89 -16.77 10.33
N PRO A 162 4.44 -16.01 11.28
CA PRO A 162 4.19 -14.57 11.29
C PRO A 162 4.72 -13.92 10.01
N ARG A 163 3.81 -13.27 9.29
CA ARG A 163 4.21 -12.45 8.16
C ARG A 163 4.35 -10.98 8.56
N PHE A 164 3.54 -10.50 9.49
CA PHE A 164 3.66 -9.16 10.04
C PHE A 164 3.76 -9.28 11.54
N THR A 165 4.75 -8.62 12.14
CA THR A 165 4.89 -8.56 13.58
C THR A 165 4.94 -7.10 14.01
N VAL A 166 3.96 -6.68 14.79
CA VAL A 166 3.90 -5.34 15.32
C VAL A 166 4.22 -5.42 16.81
N LYS A 167 5.26 -4.71 17.23
CA LYS A 167 5.56 -4.53 18.65
C LYS A 167 5.20 -3.10 19.03
N TYR A 168 4.31 -2.94 20.00
CA TYR A 168 3.83 -1.64 20.45
C TYR A 168 4.72 -1.10 21.57
N LYS A 169 5.32 0.07 21.34
CA LYS A 169 6.17 0.75 22.31
C LYS A 169 5.58 2.12 22.65
N ASP A 170 5.74 2.55 23.91
CA ASP A 170 5.38 3.90 24.35
C ASP A 170 3.88 4.16 24.24
N PHE A 171 3.06 3.19 24.63
CA PHE A 171 1.62 3.29 24.45
C PHE A 171 1.00 4.21 25.50
N GLU A 172 0.35 5.28 25.05
CA GLU A 172 -0.38 6.16 25.93
C GLU A 172 -1.78 6.38 25.37
N TYR A 173 -2.75 6.61 26.27
CA TYR A 173 -4.12 6.86 25.86
C TYR A 173 -4.79 7.88 26.80
N ARG A 174 -5.87 8.46 26.30
CA ARG A 174 -6.80 9.27 27.09
C ARG A 174 -8.22 8.73 26.90
N ASN B 16 -5.61 -6.08 2.13
CA ASN B 16 -4.55 -7.06 2.41
C ASN B 16 -4.08 -7.78 1.15
N LYS B 17 -3.22 -7.12 0.39
CA LYS B 17 -2.80 -7.62 -0.90
C LYS B 17 -1.40 -8.20 -0.79
N THR B 18 -1.11 -9.16 -1.67
CA THR B 18 0.23 -9.69 -1.85
C THR B 18 0.65 -9.40 -3.28
N ILE B 19 1.81 -8.77 -3.43
CA ILE B 19 2.26 -8.17 -4.68
C ILE B 19 3.63 -8.73 -5.03
N ILE B 20 3.80 -9.19 -6.26
CA ILE B 20 5.10 -9.65 -6.75
C ILE B 20 5.78 -8.47 -7.41
N LEU B 21 6.97 -8.12 -6.91
CA LEU B 21 7.88 -7.17 -7.53
C LEU B 21 9.10 -7.90 -8.10
N ASP B 22 9.37 -7.66 -9.39
CA ASP B 22 10.40 -8.33 -10.17
C ASP B 22 11.37 -7.27 -10.69
N ALA B 23 12.55 -7.20 -10.08
CA ALA B 23 13.62 -6.32 -10.56
C ALA B 23 14.26 -7.01 -11.75
N GLY B 24 13.94 -6.55 -12.95
CA GLY B 24 14.43 -7.25 -14.11
C GLY B 24 15.93 -7.15 -14.20
N HIS B 25 16.62 -8.23 -13.87
CA HIS B 25 17.80 -8.74 -14.55
C HIS B 25 18.53 -9.34 -13.37
N GLY B 26 19.80 -9.64 -13.51
CA GLY B 26 20.62 -9.80 -12.32
C GLY B 26 21.79 -10.70 -12.58
N GLY B 27 22.76 -10.66 -11.65
CA GLY B 27 23.92 -11.51 -11.77
C GLY B 27 24.65 -11.22 -13.05
N ILE B 28 24.93 -12.29 -13.82
CA ILE B 28 25.69 -12.14 -15.05
C ILE B 28 24.94 -11.33 -16.10
N ASP B 29 23.63 -11.14 -15.95
CA ASP B 29 22.78 -10.48 -16.92
C ASP B 29 22.62 -9.03 -16.53
N PRO B 30 23.41 -8.09 -17.07
CA PRO B 30 23.06 -6.68 -16.87
C PRO B 30 21.79 -6.41 -17.67
N GLY B 31 21.29 -5.19 -17.68
CA GLY B 31 20.23 -5.02 -18.65
C GLY B 31 20.74 -4.36 -19.90
N ALA B 32 20.06 -3.33 -20.34
CA ALA B 32 20.62 -2.39 -21.28
C ALA B 32 21.72 -1.59 -20.58
N LEU B 33 22.48 -0.86 -21.37
CA LEU B 33 23.60 -0.11 -20.84
C LEU B 33 23.58 1.30 -21.41
N ASN B 34 24.25 2.20 -20.70
CA ASN B 34 24.45 3.54 -21.21
C ASN B 34 25.44 3.52 -22.37
N LYS B 35 25.55 4.67 -23.06
CA LYS B 35 26.42 4.77 -24.22
C LYS B 35 27.82 4.26 -23.90
N ASP B 36 28.39 4.70 -22.79
CA ASP B 36 29.73 4.30 -22.38
C ASP B 36 29.73 3.04 -21.52
N LYS B 37 28.58 2.40 -21.34
CA LYS B 37 28.48 1.13 -20.61
C LYS B 37 28.90 1.27 -19.15
N SER B 38 28.80 2.48 -18.60
CA SER B 38 29.06 2.67 -17.17
C SER B 38 27.89 2.14 -16.35
N THR B 39 26.66 2.38 -16.82
CA THR B 39 25.44 2.21 -16.04
C THR B 39 24.57 1.12 -16.68
N SER B 40 23.98 0.27 -15.85
CA SER B 40 23.22 -0.89 -16.34
C SER B 40 21.81 -0.89 -15.75
N GLU B 41 20.95 -1.75 -16.30
CA GLU B 41 19.58 -1.90 -15.78
C GLU B 41 19.58 -2.57 -14.41
N LYS B 42 20.36 -3.65 -14.23
CA LYS B 42 20.34 -4.47 -13.02
C LYS B 42 20.14 -3.66 -11.74
N ASP B 43 21.07 -2.73 -11.51
CA ASP B 43 21.17 -2.02 -10.24
C ASP B 43 20.07 -0.99 -10.08
N ILE B 44 19.72 -0.28 -11.15
CA ILE B 44 18.61 0.67 -11.07
C ILE B 44 17.28 -0.05 -10.84
N ASN B 45 17.05 -1.16 -11.55
CA ASN B 45 15.83 -1.93 -11.36
C ASN B 45 15.71 -2.39 -9.91
N LEU B 46 16.81 -2.94 -9.38
CA LEU B 46 16.80 -3.41 -8.00
C LEU B 46 16.55 -2.26 -7.04
N ALA B 47 17.16 -1.10 -7.30
CA ALA B 47 16.99 0.03 -6.40
C ALA B 47 15.53 0.48 -6.36
N ILE B 48 14.91 0.69 -7.53
CA ILE B 48 13.52 1.13 -7.58
C ILE B 48 12.62 0.07 -6.95
N THR B 49 12.85 -1.19 -7.29
CA THR B 49 12.05 -2.28 -6.72
C THR B 49 12.13 -2.32 -5.19
N LEU B 50 13.32 -2.08 -4.61
CA LEU B 50 13.40 -2.11 -3.15
C LEU B 50 12.77 -0.87 -2.51
N LYS B 51 12.85 0.28 -3.18
CA LYS B 51 12.07 1.44 -2.70
C LYS B 51 10.58 1.13 -2.70
N LEU B 52 10.09 0.51 -3.78
CA LEU B 52 8.67 0.20 -3.93
C LEU B 52 8.23 -0.86 -2.93
N ARG B 53 9.07 -1.87 -2.69
CA ARG B 53 8.86 -2.83 -1.63
C ARG B 53 8.64 -2.15 -0.29
N GLU B 54 9.50 -1.17 0.04
CA GLU B 54 9.31 -0.48 1.31
C GLU B 54 7.98 0.28 1.35
N LEU B 55 7.62 0.97 0.27
CA LEU B 55 6.33 1.67 0.23
C LEU B 55 5.18 0.70 0.47
N ILE B 56 5.18 -0.43 -0.22
CA ILE B 56 4.03 -1.33 -0.14
C ILE B 56 3.96 -2.00 1.22
N GLU B 57 5.08 -2.51 1.72
CA GLU B 57 5.06 -3.21 3.00
C GLU B 57 4.70 -2.27 4.13
N SER B 58 5.19 -1.03 4.11
CA SER B 58 4.85 -0.12 5.20
C SER B 58 3.38 0.27 5.18
N SER B 59 2.69 0.01 4.07
CA SER B 59 1.24 0.19 3.91
C SER B 59 0.43 -1.08 4.15
N GLY B 60 1.03 -2.12 4.70
CA GLY B 60 0.30 -3.32 5.00
C GLY B 60 0.13 -4.31 3.88
N GLY B 61 0.81 -4.12 2.75
CA GLY B 61 0.85 -5.13 1.74
C GLY B 61 2.04 -6.07 1.97
N LEU B 62 1.93 -7.28 1.45
CA LEU B 62 3.03 -8.24 1.52
C LEU B 62 3.69 -8.30 0.16
N VAL B 63 5.02 -8.24 0.13
CA VAL B 63 5.75 -8.24 -1.13
C VAL B 63 6.47 -9.57 -1.29
N ILE B 64 6.31 -10.18 -2.47
CA ILE B 64 7.10 -11.30 -2.96
C ILE B 64 8.10 -10.73 -3.97
N LEU B 65 9.38 -10.94 -3.72
CA LEU B 65 10.41 -10.48 -4.63
C LEU B 65 10.90 -11.65 -5.47
N THR B 66 11.18 -11.40 -6.75
CA THR B 66 11.96 -12.40 -7.47
C THR B 66 13.43 -12.33 -7.09
N ARG B 67 13.95 -11.13 -6.86
CA ARG B 67 15.32 -10.99 -6.42
C ARG B 67 15.40 -9.84 -5.43
N GLU B 68 16.23 -10.04 -4.42
CA GLU B 68 16.45 -9.11 -3.34
C GLU B 68 17.83 -8.49 -3.42
N ASP B 69 18.68 -9.01 -4.28
CA ASP B 69 20.08 -8.63 -4.37
C ASP B 69 20.51 -8.81 -5.82
N ASP B 70 21.81 -8.74 -6.05
CA ASP B 70 22.35 -8.84 -7.41
C ASP B 70 22.68 -10.29 -7.71
N SER B 71 21.64 -11.05 -8.00
CA SER B 71 21.81 -12.46 -8.37
C SER B 71 20.80 -12.78 -9.47
N SER B 72 20.99 -13.93 -10.11
CA SER B 72 20.09 -14.41 -11.13
C SER B 72 19.54 -15.76 -10.71
N LEU B 73 18.30 -16.05 -11.10
CA LEU B 73 17.63 -17.26 -10.61
C LEU B 73 18.02 -18.47 -11.46
N TYR B 74 19.29 -18.88 -11.33
CA TYR B 74 19.80 -20.11 -11.94
C TYR B 74 20.87 -20.71 -11.04
N LYS B 75 21.09 -22.02 -11.19
CA LYS B 75 22.15 -22.73 -10.48
C LYS B 75 23.30 -23.10 -11.41
N GLU B 76 24.53 -23.01 -10.90
CA GLU B 76 25.72 -23.37 -11.67
C GLU B 76 25.81 -24.87 -11.92
N GLU B 77 25.32 -25.34 -13.07
CA GLU B 77 25.51 -26.71 -13.51
C GLU B 77 26.57 -26.85 -14.58
N ASN B 78 27.22 -25.74 -14.94
CA ASN B 78 28.35 -25.64 -15.87
C ASN B 78 27.99 -26.00 -17.31
N ASN B 79 26.73 -26.36 -17.59
CA ASN B 79 26.28 -26.33 -18.98
C ASN B 79 26.48 -24.93 -19.57
N LYS B 80 26.19 -23.90 -18.77
CA LYS B 80 26.77 -22.56 -18.81
C LYS B 80 26.41 -21.74 -20.04
N THR B 81 25.47 -22.18 -20.87
CA THR B 81 25.03 -21.33 -21.98
C THR B 81 24.42 -20.06 -21.42
N THR B 82 24.94 -18.91 -21.81
CA THR B 82 24.36 -17.65 -21.34
C THR B 82 22.88 -17.57 -21.71
N ARG B 83 22.52 -18.04 -22.91
CA ARG B 83 21.11 -18.14 -23.26
C ARG B 83 20.39 -19.11 -22.34
N GLN B 84 21.04 -20.23 -21.97
CA GLN B 84 20.43 -21.15 -21.03
C GLN B 84 20.28 -20.52 -19.65
N LYS B 85 21.31 -19.79 -19.19
CA LYS B 85 21.20 -19.10 -17.91
C LYS B 85 20.01 -18.15 -17.91
N TYR B 86 19.86 -17.36 -18.98
CA TYR B 86 18.75 -16.42 -19.10
C TYR B 86 17.41 -17.14 -19.08
N ASN B 87 17.31 -18.24 -19.84
CA ASN B 87 16.05 -18.96 -19.92
C ASN B 87 15.67 -19.56 -18.57
N GLU B 88 16.64 -20.11 -17.85
CA GLU B 88 16.36 -20.67 -16.54
C GLU B 88 15.93 -19.58 -15.55
N ASN B 89 16.60 -18.43 -15.59
CA ASN B 89 16.19 -17.29 -14.81
C ASN B 89 14.71 -16.96 -15.04
N LEU B 90 14.30 -16.89 -16.31
CA LEU B 90 12.92 -16.56 -16.61
C LEU B 90 11.95 -17.65 -16.13
N LYS B 91 12.31 -18.93 -16.31
CA LYS B 91 11.45 -20.01 -15.84
C LYS B 91 11.27 -19.94 -14.32
N ASN B 92 12.35 -19.63 -13.59
CA ASN B 92 12.24 -19.60 -12.14
C ASN B 92 11.36 -18.45 -11.66
N ARG B 93 11.53 -17.26 -12.25
CA ARG B 93 10.62 -16.15 -11.97
C ARG B 93 9.17 -16.52 -12.29
N LYS B 94 8.95 -17.23 -13.42
CA LYS B 94 7.60 -17.65 -13.74
C LYS B 94 7.03 -18.56 -12.67
N GLU B 95 7.86 -19.47 -12.11
CA GLU B 95 7.34 -20.37 -11.08
C GLU B 95 7.02 -19.61 -9.80
N ILE B 96 7.81 -18.59 -9.49
CA ILE B 96 7.48 -17.74 -8.35
C ILE B 96 6.11 -17.10 -8.55
N ILE B 97 5.82 -16.66 -9.77
CA ILE B 97 4.50 -16.10 -10.06
C ILE B 97 3.43 -17.18 -9.91
N SER B 98 3.69 -18.37 -10.46
CA SER B 98 2.66 -19.41 -10.47
C SER B 98 2.32 -19.89 -9.07
N ASN B 99 3.32 -20.07 -8.21
CA ASN B 99 3.11 -20.75 -6.95
C ASN B 99 2.82 -19.81 -5.78
N SER B 100 2.71 -18.51 -6.03
CA SER B 100 2.65 -17.52 -4.96
C SER B 100 1.26 -17.27 -4.40
N ASN B 101 0.20 -17.46 -5.16
CA ASN B 101 -1.14 -16.98 -4.77
C ASN B 101 -1.11 -15.49 -4.48
N ALA B 102 -0.37 -14.75 -5.29
CA ALA B 102 -0.34 -13.31 -5.16
C ALA B 102 -1.57 -12.68 -5.83
N ASN B 103 -1.77 -11.39 -5.55
CA ASN B 103 -2.83 -10.64 -6.19
C ASN B 103 -2.36 -9.88 -7.41
N MSE B 104 -1.06 -9.68 -7.58
CA MSE B 104 -0.58 -8.75 -8.60
C MSE B 104 0.91 -8.95 -8.86
O MSE B 104 1.64 -9.35 -7.97
CB MSE B 104 -0.87 -7.32 -8.17
CG MSE B 104 -0.32 -6.27 -9.08
SE MSE B 104 -0.55 -4.51 -8.27
CE MSE B 104 -2.55 -4.42 -8.14
N PHE B 105 1.33 -8.69 -10.09
CA PHE B 105 2.71 -8.84 -10.49
C PHE B 105 3.19 -7.58 -11.17
N VAL B 106 4.28 -7.00 -10.68
CA VAL B 106 4.87 -5.79 -11.26
C VAL B 106 6.34 -6.05 -11.54
N SER B 107 6.74 -5.82 -12.78
CA SER B 107 8.10 -6.01 -13.24
C SER B 107 8.69 -4.63 -13.55
N ILE B 108 9.91 -4.39 -13.05
CA ILE B 108 10.60 -3.10 -13.19
C ILE B 108 11.83 -3.30 -14.09
N HIS B 109 11.82 -2.65 -15.25
CA HIS B 109 12.91 -2.66 -16.21
C HIS B 109 13.27 -1.23 -16.61
N LEU B 110 14.19 -1.10 -17.56
CA LEU B 110 14.48 0.16 -18.23
C LEU B 110 14.64 -0.14 -19.71
N ASN B 111 14.60 0.90 -20.54
CA ASN B 111 14.73 0.73 -21.97
C ASN B 111 16.03 1.38 -22.44
N ALA B 112 16.42 1.05 -23.67
CA ALA B 112 17.54 1.72 -24.34
C ALA B 112 17.45 1.46 -25.83
N PHE B 113 17.42 2.52 -26.62
CA PHE B 113 17.37 2.41 -28.06
C PHE B 113 18.60 3.09 -28.66
N GLU B 114 18.89 2.77 -29.94
CA GLU B 114 20.01 3.41 -30.64
C GLU B 114 19.82 4.92 -30.73
N GLN B 115 18.58 5.40 -30.79
CA GLN B 115 18.29 6.82 -30.85
C GLN B 115 18.20 7.36 -29.42
N SER B 116 19.04 8.34 -29.12
CA SER B 116 19.15 8.93 -27.79
C SER B 116 18.08 9.99 -27.51
N LYS B 117 17.30 10.39 -28.51
CA LYS B 117 16.28 11.41 -28.33
C LYS B 117 15.05 10.90 -27.59
N TYR B 118 14.89 9.58 -27.46
CA TYR B 118 13.73 9.03 -26.77
C TYR B 118 13.92 9.07 -25.26
N TYR B 119 12.82 9.40 -24.56
CA TYR B 119 12.81 9.47 -23.11
C TYR B 119 11.38 9.24 -22.62
N GLY B 120 11.26 8.96 -21.32
CA GLY B 120 9.97 8.78 -20.67
C GLY B 120 9.78 7.41 -20.03
N ALA B 121 9.02 7.37 -18.95
CA ALA B 121 8.57 6.10 -18.40
C ALA B 121 7.40 5.55 -19.24
N GLN B 122 7.43 4.25 -19.45
CA GLN B 122 6.44 3.59 -20.28
C GLN B 122 5.95 2.34 -19.57
N THR B 123 4.63 2.16 -19.49
CA THR B 123 4.05 0.96 -18.91
C THR B 123 3.47 0.05 -20.01
N PHE B 124 3.52 -1.25 -19.75
CA PHE B 124 2.99 -2.24 -20.66
C PHE B 124 2.13 -3.21 -19.86
N TYR B 125 1.21 -3.86 -20.55
CA TYR B 125 0.31 -4.86 -20.01
C TYR B 125 0.19 -5.97 -21.04
N PRO B 126 -0.09 -7.21 -20.60
CA PRO B 126 -0.21 -8.30 -21.56
C PRO B 126 -1.45 -8.13 -22.42
N LYS B 127 -1.29 -8.32 -23.73
CA LYS B 127 -2.38 -8.08 -24.68
C LYS B 127 -3.68 -8.72 -24.19
N ASP B 128 -4.79 -7.98 -24.34
CA ASP B 128 -6.15 -8.47 -24.12
C ASP B 128 -6.45 -8.90 -22.69
N LYS B 129 -5.75 -8.38 -21.69
CA LYS B 129 -6.10 -8.61 -20.30
C LYS B 129 -6.56 -7.27 -19.74
N GLN B 130 -7.85 -7.18 -19.43
CA GLN B 130 -8.46 -5.89 -19.14
C GLN B 130 -7.99 -5.34 -17.80
N ASP B 131 -7.99 -6.19 -16.77
CA ASP B 131 -7.55 -5.77 -15.44
C ASP B 131 -6.14 -5.19 -15.51
N SER B 132 -5.24 -5.87 -16.23
CA SER B 132 -3.86 -5.40 -16.32
C SER B 132 -3.79 -4.08 -17.07
N LYS B 133 -4.65 -3.91 -18.08
CA LYS B 133 -4.67 -2.63 -18.79
C LYS B 133 -5.11 -1.50 -17.85
N GLU B 134 -6.13 -1.76 -17.02
CA GLU B 134 -6.55 -0.74 -16.06
C GLU B 134 -5.42 -0.39 -15.10
N LEU B 135 -4.76 -1.42 -14.56
CA LEU B 135 -3.65 -1.17 -13.63
C LEU B 135 -2.55 -0.38 -14.30
N SER B 136 -2.21 -0.77 -15.53
CA SER B 136 -1.17 -0.07 -16.25
C SER B 136 -1.54 1.39 -16.43
N LYS B 137 -2.81 1.66 -16.78
CA LYS B 137 -3.24 3.05 -16.96
C LYS B 137 -3.10 3.84 -15.67
N CYS B 138 -3.48 3.25 -14.53
CA CYS B 138 -3.30 3.92 -13.25
C CYS B 138 -1.84 4.29 -13.01
N ILE B 139 -0.94 3.34 -13.26
CA ILE B 139 0.47 3.60 -13.02
C ILE B 139 1.01 4.63 -14.02
N GLN B 140 0.60 4.55 -15.27
CA GLN B 140 1.08 5.51 -16.26
C GLN B 140 0.61 6.92 -15.94
N GLU B 141 -0.64 7.07 -15.51
CA GLU B 141 -1.13 8.38 -15.07
C GLU B 141 -0.31 8.92 -13.90
N GLU B 142 0.02 8.07 -12.91
CA GLU B 142 0.84 8.55 -11.80
C GLU B 142 2.27 8.85 -12.24
N LEU B 143 2.83 8.06 -13.16
CA LEU B 143 4.17 8.35 -13.63
C LEU B 143 4.21 9.71 -14.30
N LYS B 144 3.18 10.02 -15.10
CA LYS B 144 3.05 11.35 -15.69
C LYS B 144 2.93 12.43 -14.62
N ARG B 145 1.97 12.28 -13.69
CA ARG B 145 1.65 13.38 -12.79
C ARG B 145 2.79 13.64 -11.82
N VAL B 146 3.42 12.59 -11.30
CA VAL B 146 4.43 12.70 -10.27
C VAL B 146 5.81 12.93 -10.85
N VAL B 147 6.18 12.20 -11.88
CA VAL B 147 7.58 12.20 -12.32
C VAL B 147 7.83 13.23 -13.41
N ASP B 148 6.93 13.35 -14.38
CA ASP B 148 7.24 14.20 -15.54
C ASP B 148 5.91 14.52 -16.24
N LYS B 149 5.42 15.75 -16.05
CA LYS B 149 4.17 16.12 -16.69
C LYS B 149 4.33 16.23 -18.20
N THR B 150 5.57 16.33 -18.68
CA THR B 150 5.84 16.36 -20.10
C THR B 150 5.45 15.05 -20.78
N ASN B 151 5.50 13.93 -20.06
CA ASN B 151 5.36 12.62 -20.66
C ASN B 151 3.91 12.35 -21.07
N ASN B 152 3.68 12.11 -22.36
CA ASN B 152 2.36 11.80 -22.87
C ASN B 152 2.27 10.38 -23.41
N ARG B 153 3.19 9.52 -23.04
CA ARG B 153 3.13 8.13 -23.47
C ARG B 153 1.84 7.47 -22.97
N GLU B 154 1.30 6.57 -23.79
CA GLU B 154 0.13 5.79 -23.45
C GLU B 154 0.56 4.35 -23.17
N VAL B 155 -0.22 3.64 -22.34
CA VAL B 155 0.08 2.23 -22.08
C VAL B 155 -0.01 1.46 -23.39
N LYS B 156 0.88 0.49 -23.56
CA LYS B 156 0.94 -0.29 -24.78
C LYS B 156 0.79 -1.76 -24.44
N PRO B 157 0.05 -2.52 -25.25
CA PRO B 157 0.02 -3.98 -25.06
C PRO B 157 1.29 -4.65 -25.54
N ARG B 158 1.59 -5.79 -24.95
CA ARG B 158 2.68 -6.65 -25.38
C ARG B 158 2.17 -8.08 -25.41
N ASP B 159 2.78 -8.89 -26.25
CA ASP B 159 2.48 -10.31 -26.27
C ASP B 159 3.75 -11.13 -26.34
N ASP B 160 4.91 -10.51 -26.14
CA ASP B 160 6.22 -11.16 -26.23
C ASP B 160 6.98 -11.12 -24.91
N ILE B 161 6.37 -10.64 -23.82
CA ILE B 161 6.99 -10.70 -22.50
C ILE B 161 6.47 -11.95 -21.80
N TYR B 162 7.32 -12.97 -21.69
CA TYR B 162 6.93 -14.22 -21.06
C TYR B 162 6.33 -14.02 -19.69
N LEU B 163 6.98 -13.22 -18.85
CA LEU B 163 6.49 -13.10 -17.48
C LEU B 163 5.12 -12.44 -17.38
N LEU B 164 4.62 -11.79 -18.43
CA LEU B 164 3.26 -11.24 -18.36
C LEU B 164 2.21 -12.16 -18.97
N LYS B 165 2.59 -13.20 -19.72
CA LYS B 165 1.61 -14.08 -20.35
C LYS B 165 0.93 -14.96 -19.31
N ASP B 166 -0.42 -15.02 -19.38
CA ASP B 166 -1.23 -16.07 -18.75
C ASP B 166 -0.96 -16.25 -17.26
N ASN B 167 -1.06 -15.15 -16.52
CA ASN B 167 -0.73 -15.18 -15.11
C ASN B 167 -1.91 -15.35 -14.17
N ASN B 168 -3.14 -15.07 -14.63
CA ASN B 168 -4.36 -15.08 -13.82
C ASN B 168 -4.42 -13.96 -12.80
N ILE B 169 -3.44 -13.07 -12.76
CA ILE B 169 -3.51 -11.90 -11.89
C ILE B 169 -3.10 -10.67 -12.68
N PRO B 170 -3.48 -9.48 -12.22
CA PRO B 170 -3.09 -8.27 -12.97
C PRO B 170 -1.57 -8.15 -13.04
N SER B 171 -1.07 -7.95 -14.26
CA SER B 171 0.36 -8.04 -14.49
C SER B 171 0.79 -6.90 -15.37
N VAL B 172 1.82 -6.15 -14.96
CA VAL B 172 2.30 -5.02 -15.73
C VAL B 172 3.81 -4.99 -15.69
N LEU B 173 4.38 -4.45 -16.77
CA LEU B 173 5.80 -4.16 -16.85
C LEU B 173 5.98 -2.66 -16.92
N ILE B 174 6.94 -2.14 -16.17
CA ILE B 174 7.24 -0.70 -16.20
C ILE B 174 8.68 -0.51 -16.63
N GLU B 175 8.86 0.17 -17.76
CA GLU B 175 10.18 0.62 -18.21
C GLU B 175 10.34 2.07 -17.77
N CYS B 176 11.15 2.27 -16.75
CA CYS B 176 11.11 3.51 -16.00
C CYS B 176 11.69 4.69 -16.75
N GLY B 177 12.60 4.46 -17.69
CA GLY B 177 13.21 5.52 -18.46
C GLY B 177 14.18 4.88 -19.45
N PHE B 178 14.87 5.74 -20.20
CA PHE B 178 15.83 5.31 -21.21
C PHE B 178 17.25 5.59 -20.76
N LEU B 179 18.06 4.53 -20.61
CA LEU B 179 19.50 4.71 -20.46
C LEU B 179 20.13 5.32 -21.70
N SER B 180 19.46 5.20 -22.86
CA SER B 180 19.96 5.76 -24.10
C SER B 180 19.96 7.28 -24.11
N ASN B 181 19.29 7.92 -23.15
CA ASN B 181 19.12 9.36 -23.10
C ASN B 181 19.93 9.91 -21.93
N GLU B 182 20.85 10.85 -22.21
CA GLU B 182 21.86 11.25 -21.23
C GLU B 182 21.23 11.92 -20.01
N LYS B 183 20.32 12.87 -20.24
CA LYS B 183 19.67 13.52 -19.10
C LYS B 183 18.88 12.52 -18.26
N GLU B 184 18.10 11.65 -18.93
CA GLU B 184 17.34 10.66 -18.18
C GLU B 184 18.25 9.66 -17.49
N CYS B 185 19.34 9.25 -18.12
CA CYS B 185 20.25 8.31 -17.46
C CYS B 185 20.78 8.91 -16.17
N LYS B 186 21.27 10.15 -16.24
CA LYS B 186 21.74 10.84 -15.05
C LYS B 186 20.65 10.88 -13.97
N LEU B 187 19.40 11.15 -14.37
CA LEU B 187 18.32 11.15 -13.39
C LEU B 187 18.12 9.77 -12.77
N LEU B 188 18.18 8.72 -13.58
CA LEU B 188 17.88 7.36 -13.13
C LEU B 188 18.93 6.83 -12.18
N THR B 189 20.15 7.36 -12.23
CA THR B 189 21.11 6.94 -11.22
C THR B 189 20.95 7.68 -9.90
N ASP B 190 19.98 8.60 -9.78
CA ASP B 190 19.83 9.38 -8.56
C ASP B 190 18.82 8.74 -7.61
N GLU B 191 19.27 8.48 -6.38
CA GLU B 191 18.43 7.80 -5.40
C GLU B 191 17.12 8.54 -5.16
N THR B 192 17.12 9.86 -5.25
CA THR B 192 15.88 10.61 -5.02
C THR B 192 14.93 10.46 -6.19
N TYR B 193 15.45 10.44 -7.41
CA TYR B 193 14.60 10.20 -8.56
C TYR B 193 14.03 8.80 -8.51
N GLN B 194 14.85 7.83 -8.11
CA GLN B 194 14.35 6.47 -7.97
C GLN B 194 13.21 6.40 -6.96
N GLU B 195 13.32 7.14 -5.86
CA GLU B 195 12.24 7.15 -4.87
C GLU B 195 10.98 7.78 -5.44
N LYS B 196 11.14 8.85 -6.23
CA LYS B 196 9.98 9.47 -6.87
C LYS B 196 9.23 8.47 -7.76
N ILE B 197 9.98 7.70 -8.56
CA ILE B 197 9.36 6.70 -9.43
C ILE B 197 8.64 5.64 -8.61
N ALA B 198 9.29 5.17 -7.54
CA ALA B 198 8.63 4.18 -6.69
C ALA B 198 7.34 4.76 -6.14
N TRP B 199 7.37 6.02 -5.70
CA TRP B 199 6.17 6.68 -5.21
C TRP B 199 5.08 6.71 -6.28
N ALA B 200 5.44 7.06 -7.52
CA ALA B 200 4.43 7.08 -8.58
C ALA B 200 3.81 5.69 -8.79
N ILE B 201 4.64 4.65 -8.83
CA ILE B 201 4.12 3.31 -9.04
C ILE B 201 3.23 2.89 -7.88
N TYR B 202 3.66 3.18 -6.67
CA TYR B 202 2.89 2.83 -5.47
C TYR B 202 1.54 3.51 -5.47
N ILE B 203 1.50 4.79 -5.83
CA ILE B 203 0.22 5.50 -5.90
C ILE B 203 -0.64 4.90 -7.00
N GLY B 204 -0.06 4.55 -8.14
CA GLY B 204 -0.85 3.95 -9.20
C GLY B 204 -1.52 2.66 -8.76
N ILE B 205 -0.74 1.78 -8.13
CA ILE B 205 -1.26 0.56 -7.53
C ILE B 205 -2.40 0.88 -6.57
N GLN B 206 -2.19 1.86 -5.70
CA GLN B 206 -3.19 2.15 -4.67
C GLN B 206 -4.50 2.66 -5.28
N LYS B 207 -4.42 3.51 -6.31
CA LYS B 207 -5.63 3.96 -6.98
C LYS B 207 -6.35 2.78 -7.64
N TYR B 208 -5.60 1.98 -8.40
CA TYR B 208 -6.20 0.80 -9.03
C TYR B 208 -6.91 -0.07 -8.00
N LEU B 209 -6.31 -0.25 -6.82
CA LEU B 209 -6.92 -1.09 -5.81
C LEU B 209 -8.10 -0.41 -5.12
N SER B 210 -8.14 0.93 -5.09
CA SER B 210 -9.22 1.61 -4.41
C SER B 210 -10.52 1.56 -5.22
N VAL B 211 -10.41 1.56 -6.55
CA VAL B 211 -11.61 1.45 -7.38
C VAL B 211 -12.36 0.14 -7.07
N ASP B 212 -11.69 -0.99 -7.26
CA ASP B 212 -12.20 -2.30 -6.85
C ASP B 212 -11.11 -3.38 -6.97
ZN ZN C . 15.24 -5.03 -19.15
C1 EDO D . 4.34 4.77 3.98
O1 EDO D . 3.05 5.06 4.56
C2 EDO D . 4.17 4.71 2.49
O2 EDO D . 2.85 5.21 2.22
#